data_6QQY
#
_entry.id   6QQY
#
_cell.length_a   74.510
_cell.length_b   78.450
_cell.length_c   86.040
_cell.angle_alpha   90.000
_cell.angle_beta   90.000
_cell.angle_gamma   90.000
#
_symmetry.space_group_name_H-M   'P 21 21 21'
#
loop_
_entity.id
_entity.type
_entity.pdbx_description
1 polymer 'tRNA (guanine-N(1)-)-methyltransferase'
2 non-polymer 5-azanyl-3-[1-(pyridin-2-ylmethyl)indol-6-yl]-1~{H}-pyrazole-4-carbonitrile
3 water water
#
_entity_poly.entity_id   1
_entity_poly.type   'polypeptide(L)'
_entity_poly.pdbx_seq_one_letter_code
;GSMKIDVVTIFPEYLQPVRQSLPGKAIDAGLVDVAVHDLRRWTHDVHKSVDDSPYGGGPGMVMKPTVWGDALDEICTSET
LLVVPTPAGYPFTQETAWQWSTEDHLVIACGRYEGIDQRVADDAATRMRVREVSIGDYVLNGGEAAALVIIEAVLRLVPG
VLGNALSAQEDSHSEGMASLLEGPSYTRPPSWRGMDVPPVLLSGDHAKIAAWRAEQSRQRTIERRPDLLGFDSPTGEHGG
DGLS
;
_entity_poly.pdbx_strand_id   A,B
#
# COMPACT_ATOMS: atom_id res chain seq x y z
N GLY A 1 9.94 19.99 -5.88
CA GLY A 1 9.17 20.39 -7.05
C GLY A 1 9.35 19.43 -8.21
N SER A 2 10.58 18.95 -8.39
CA SER A 2 10.88 18.02 -9.47
C SER A 2 11.54 16.75 -8.93
N MET A 3 11.11 15.61 -9.44
CA MET A 3 11.65 14.34 -8.97
C MET A 3 11.76 13.29 -10.06
N LYS A 4 12.87 12.56 -10.06
CA LYS A 4 13.01 11.36 -10.87
C LYS A 4 12.82 10.14 -9.99
N ILE A 5 11.99 9.19 -10.43
CA ILE A 5 11.87 7.92 -9.74
C ILE A 5 12.20 6.79 -10.70
N ASP A 6 13.15 5.95 -10.32
CA ASP A 6 13.47 4.75 -11.09
C ASP A 6 13.02 3.56 -10.28
N VAL A 7 12.26 2.66 -10.89
CA VAL A 7 11.82 1.44 -10.21
C VAL A 7 12.47 0.24 -10.88
N VAL A 8 13.07 -0.65 -10.08
CA VAL A 8 13.68 -1.86 -10.64
C VAL A 8 12.92 -3.09 -10.14
N THR A 9 12.54 -3.96 -11.07
CA THR A 9 11.61 -5.05 -10.77
C THR A 9 11.71 -6.15 -11.82
N ILE A 10 11.38 -7.39 -11.45
CA ILE A 10 11.25 -8.44 -12.47
C ILE A 10 9.86 -8.45 -13.09
N PHE A 11 8.97 -7.58 -12.61
CA PHE A 11 7.64 -7.44 -13.17
C PHE A 11 7.34 -5.97 -13.55
N PRO A 12 8.03 -5.46 -14.58
CA PRO A 12 7.84 -4.05 -14.95
C PRO A 12 6.39 -3.66 -15.27
N GLU A 13 5.60 -4.61 -15.76
CA GLU A 13 4.21 -4.30 -16.11
C GLU A 13 3.37 -3.91 -14.89
N TYR A 14 3.79 -4.35 -13.70
CA TYR A 14 3.07 -4.04 -12.47
C TYR A 14 3.03 -2.55 -12.18
N LEU A 15 4.04 -1.83 -12.69
CA LEU A 15 4.19 -0.41 -12.39
C LEU A 15 3.50 0.48 -13.42
N GLN A 16 2.85 -0.14 -14.41
CA GLN A 16 2.11 0.62 -15.42
C GLN A 16 1.02 1.56 -14.86
N PRO A 17 0.30 1.17 -13.78
CA PRO A 17 -0.69 2.10 -13.24
C PRO A 17 -0.17 3.49 -12.89
N VAL A 18 1.01 3.59 -12.29
CA VAL A 18 1.48 4.89 -11.85
C VAL A 18 1.96 5.75 -13.02
N ARG A 19 2.57 5.14 -14.02
CA ARG A 19 3.00 5.91 -15.18
C ARG A 19 1.76 6.48 -15.86
N GLN A 20 0.66 5.74 -15.79
CA GLN A 20 -0.62 6.19 -16.31
C GLN A 20 -1.26 7.26 -15.42
N SER A 21 -0.94 7.23 -14.13
CA SER A 21 -1.53 8.20 -13.21
CA SER A 21 -1.48 8.17 -13.15
C SER A 21 -0.92 9.59 -13.35
N LEU A 22 0.17 9.69 -14.11
CA LEU A 22 0.87 10.98 -14.24
C LEU A 22 0.24 11.89 -15.30
N PRO A 23 -0.23 13.07 -14.86
CA PRO A 23 -0.75 14.12 -15.75
C PRO A 23 0.32 14.60 -16.72
N GLY A 24 -0.09 14.87 -17.96
CA GLY A 24 0.84 15.32 -18.98
C GLY A 24 1.49 16.63 -18.62
N LYS A 25 0.75 17.49 -17.94
CA LYS A 25 1.23 18.81 -17.54
C LYS A 25 2.49 18.73 -16.67
N ALA A 26 2.48 17.80 -15.71
CA ALA A 26 3.62 17.62 -14.82
C ALA A 26 4.83 17.06 -15.55
N ILE A 27 4.59 16.09 -16.44
CA ILE A 27 5.65 15.51 -17.25
C ILE A 27 6.28 16.57 -18.14
N ASP A 28 5.43 17.29 -18.87
CA ASP A 28 5.87 18.36 -19.77
C ASP A 28 6.63 19.47 -19.03
N ALA A 29 6.22 19.75 -17.81
CA ALA A 29 6.88 20.77 -17.00
C ALA A 29 8.20 20.26 -16.41
N GLY A 30 8.48 18.96 -16.60
CA GLY A 30 9.70 18.37 -16.06
C GLY A 30 9.65 18.23 -14.55
N LEU A 31 8.44 18.15 -14.01
CA LEU A 31 8.25 18.06 -12.57
C LEU A 31 8.43 16.63 -12.09
N VAL A 32 8.22 15.67 -13.00
CA VAL A 32 8.25 14.27 -12.60
C VAL A 32 8.60 13.37 -13.77
N ASP A 33 9.40 12.35 -13.50
CA ASP A 33 9.66 11.30 -14.46
C ASP A 33 9.76 9.99 -13.68
N VAL A 34 8.93 9.01 -14.05
CA VAL A 34 8.98 7.68 -13.47
C VAL A 34 9.41 6.69 -14.54
N ALA A 35 10.54 6.03 -14.31
CA ALA A 35 11.07 5.04 -15.24
C ALA A 35 11.09 3.68 -14.59
N VAL A 36 10.70 2.66 -15.33
CA VAL A 36 10.65 1.30 -14.79
C VAL A 36 11.61 0.41 -15.56
N HIS A 37 12.40 -0.37 -14.83
CA HIS A 37 13.44 -1.19 -15.42
C HIS A 37 13.27 -2.64 -15.06
N ASP A 38 13.43 -3.51 -16.05
CA ASP A 38 13.43 -4.95 -15.83
C ASP A 38 14.78 -5.38 -15.25
N LEU A 39 14.77 -5.89 -14.02
CA LEU A 39 15.99 -6.36 -13.38
C LEU A 39 16.76 -7.33 -14.24
N ARG A 40 16.08 -8.09 -15.10
CA ARG A 40 16.77 -9.11 -15.89
C ARG A 40 17.72 -8.50 -16.92
N ARG A 41 17.62 -7.20 -17.18
CA ARG A 41 18.61 -6.51 -18.01
C ARG A 41 20.03 -6.69 -17.47
N TRP A 42 20.15 -6.90 -16.17
CA TRP A 42 21.47 -6.98 -15.53
C TRP A 42 21.87 -8.40 -15.12
N THR A 43 21.14 -9.41 -15.60
CA THR A 43 21.57 -10.79 -15.34
C THR A 43 22.82 -11.16 -16.15
N HIS A 44 23.51 -12.21 -15.71
CA HIS A 44 24.81 -12.56 -16.30
C HIS A 44 24.77 -13.77 -17.18
N ASP A 45 23.69 -14.55 -17.06
CA ASP A 45 23.65 -15.88 -17.65
C ASP A 45 22.54 -16.03 -18.67
N VAL A 46 22.65 -17.08 -19.48
CA VAL A 46 21.67 -17.29 -20.54
C VAL A 46 20.28 -17.55 -19.96
N HIS A 47 20.21 -18.03 -18.71
CA HIS A 47 18.92 -18.32 -18.10
C HIS A 47 18.32 -17.12 -17.36
N LYS A 48 19.03 -15.99 -17.40
CA LYS A 48 18.57 -14.73 -16.80
C LYS A 48 18.19 -14.92 -15.32
N SER A 49 19.10 -15.53 -14.56
CA SER A 49 18.84 -15.91 -13.18
C SER A 49 18.88 -14.72 -12.26
N VAL A 50 17.85 -14.58 -11.42
CA VAL A 50 17.86 -13.49 -10.45
C VAL A 50 17.80 -14.00 -9.02
N ASP A 51 17.68 -15.31 -8.85
CA ASP A 51 17.53 -15.90 -7.52
C ASP A 51 18.42 -17.12 -7.32
N ASP A 52 18.64 -17.47 -6.06
CA ASP A 52 19.52 -18.58 -5.70
C ASP A 52 19.17 -19.03 -4.26
N SER A 53 19.63 -20.22 -3.87
CA SER A 53 19.23 -20.78 -2.57
C SER A 53 19.86 -20.03 -1.39
N PRO A 54 19.14 -19.96 -0.25
CA PRO A 54 19.65 -19.22 0.90
C PRO A 54 20.79 -19.92 1.63
N TYR A 55 21.84 -19.20 1.95
CA TYR A 55 22.86 -19.73 2.85
C TYR A 55 22.23 -19.98 4.22
N GLY A 56 22.56 -21.13 4.80
CA GLY A 56 22.02 -21.51 6.10
C GLY A 56 20.73 -22.28 5.96
N GLY A 57 20.28 -22.43 4.72
CA GLY A 57 19.13 -23.24 4.42
C GLY A 57 17.82 -22.53 4.67
N GLY A 58 16.73 -23.28 4.51
CA GLY A 58 15.41 -22.73 4.73
C GLY A 58 14.62 -22.70 3.45
N PRO A 59 13.34 -22.30 3.55
CA PRO A 59 12.44 -22.27 2.40
C PRO A 59 12.67 -21.04 1.54
N GLY A 60 12.19 -21.11 0.31
CA GLY A 60 12.27 -19.96 -0.57
C GLY A 60 13.67 -19.66 -1.05
N MET A 61 13.75 -18.61 -1.84
CA MET A 61 14.98 -18.24 -2.52
C MET A 61 15.34 -16.80 -2.19
N VAL A 62 16.57 -16.42 -2.49
CA VAL A 62 17.10 -15.10 -2.19
C VAL A 62 17.57 -14.46 -3.50
N MET A 63 17.29 -13.17 -3.70
CA MET A 63 17.75 -12.54 -4.93
C MET A 63 19.25 -12.29 -4.90
N LYS A 64 19.88 -12.57 -6.04
CA LYS A 64 21.33 -12.53 -6.20
C LYS A 64 21.92 -11.14 -6.04
N PRO A 65 22.98 -11.02 -5.23
CA PRO A 65 23.59 -9.69 -5.06
C PRO A 65 24.33 -9.19 -6.30
N THR A 66 24.92 -10.07 -7.10
CA THR A 66 25.67 -9.60 -8.27
C THR A 66 24.76 -8.91 -9.31
N VAL A 67 23.55 -9.42 -9.52
CA VAL A 67 22.62 -8.82 -10.45
C VAL A 67 22.17 -7.45 -9.94
N TRP A 68 21.71 -7.40 -8.69
CA TRP A 68 21.28 -6.14 -8.11
C TRP A 68 22.39 -5.11 -8.02
N GLY A 69 23.59 -5.56 -7.68
CA GLY A 69 24.74 -4.67 -7.60
C GLY A 69 24.99 -3.94 -8.92
N ASP A 70 24.93 -4.67 -10.02
CA ASP A 70 25.13 -4.07 -11.33
C ASP A 70 23.98 -3.11 -11.67
N ALA A 71 22.75 -3.48 -11.35
CA ALA A 71 21.61 -2.63 -11.67
C ALA A 71 21.71 -1.30 -10.92
N LEU A 72 21.98 -1.38 -9.62
CA LEU A 72 22.05 -0.16 -8.81
C LEU A 72 23.28 0.69 -9.15
N ASP A 73 24.38 0.05 -9.55
CA ASP A 73 25.56 0.81 -9.99
C ASP A 73 25.20 1.68 -11.18
N GLU A 74 24.40 1.16 -12.08
CA GLU A 74 24.06 1.90 -13.28
C GLU A 74 23.04 3.00 -13.02
N ILE A 75 22.06 2.70 -12.18
CA ILE A 75 20.90 3.56 -11.99
CA ILE A 75 20.91 3.57 -12.02
C ILE A 75 21.12 4.63 -10.93
N CYS A 76 21.82 4.27 -9.87
CA CYS A 76 22.00 5.17 -8.75
C CYS A 76 23.18 6.12 -8.90
N THR A 77 23.08 7.26 -8.23
CA THR A 77 24.20 8.17 -8.11
C THR A 77 24.37 8.51 -6.64
N SER A 78 25.33 9.38 -6.33
CA SER A 78 25.53 9.77 -4.94
C SER A 78 24.34 10.54 -4.36
N GLU A 79 23.47 11.09 -5.21
CA GLU A 79 22.34 11.86 -4.73
C GLU A 79 21.08 11.02 -4.50
N THR A 80 21.14 9.77 -4.91
CA THR A 80 20.00 8.86 -4.84
C THR A 80 19.58 8.53 -3.42
N LEU A 81 18.27 8.53 -3.20
CA LEU A 81 17.69 7.87 -2.03
C LEU A 81 17.18 6.51 -2.50
N LEU A 82 17.84 5.44 -2.03
CA LEU A 82 17.49 4.07 -2.42
C LEU A 82 16.46 3.54 -1.45
N VAL A 83 15.28 3.24 -1.98
CA VAL A 83 14.16 2.74 -1.20
C VAL A 83 14.00 1.25 -1.47
N VAL A 84 14.03 0.46 -0.40
CA VAL A 84 13.93 -0.99 -0.51
C VAL A 84 12.74 -1.50 0.32
N PRO A 85 11.60 -1.75 -0.33
CA PRO A 85 10.50 -2.37 0.41
C PRO A 85 10.87 -3.73 0.98
N THR A 86 10.41 -4.01 2.19
CA THR A 86 10.63 -5.29 2.84
C THR A 86 9.69 -5.39 4.02
N PRO A 87 9.17 -6.58 4.29
CA PRO A 87 8.30 -6.74 5.46
C PRO A 87 9.07 -6.49 6.76
N ALA A 88 10.40 -6.50 6.71
CA ALA A 88 11.24 -6.22 7.88
C ALA A 88 11.71 -4.77 7.96
N GLY A 89 11.10 -3.89 7.18
CA GLY A 89 11.56 -2.52 7.13
C GLY A 89 11.06 -1.64 8.27
N TYR A 90 11.69 -0.47 8.38
CA TYR A 90 11.13 0.60 9.21
C TYR A 90 9.77 0.97 8.65
N PRO A 91 8.86 1.46 9.50
CA PRO A 91 7.53 1.78 8.98
C PRO A 91 7.55 2.98 8.04
N PHE A 92 6.93 2.81 6.86
CA PHE A 92 6.70 3.92 5.96
C PHE A 92 5.43 4.63 6.41
N THR A 93 5.57 5.91 6.77
CA THR A 93 4.42 6.68 7.24
C THR A 93 4.29 7.99 6.47
N GLN A 94 3.25 8.75 6.79
CA GLN A 94 3.06 10.05 6.16
C GLN A 94 4.26 10.97 6.38
N GLU A 95 4.88 10.88 7.55
CA GLU A 95 6.10 11.64 7.82
C GLU A 95 7.19 11.29 6.80
N THR A 96 7.34 9.99 6.52
CA THR A 96 8.28 9.54 5.52
C THR A 96 7.94 10.12 4.15
N ALA A 97 6.68 10.04 3.77
CA ALA A 97 6.23 10.51 2.46
C ALA A 97 6.58 11.99 2.29
N TRP A 98 6.34 12.79 3.32
CA TRP A 98 6.67 14.21 3.29
C TRP A 98 8.16 14.44 3.12
N GLN A 99 8.96 13.67 3.87
CA GLN A 99 10.42 13.80 3.76
C GLN A 99 10.89 13.47 2.35
N TRP A 100 10.36 12.38 1.79
CA TRP A 100 10.86 11.94 0.49
C TRP A 100 10.35 12.80 -0.67
N SER A 101 9.26 13.56 -0.43
CA SER A 101 8.65 14.36 -1.48
C SER A 101 9.57 15.48 -1.99
N THR A 102 10.60 15.82 -1.22
CA THR A 102 11.52 16.85 -1.69
C THR A 102 12.82 16.28 -2.24
N GLU A 103 12.91 14.95 -2.36
CA GLU A 103 14.10 14.33 -2.94
C GLU A 103 14.16 14.56 -4.44
N ASP A 104 15.36 14.58 -4.99
CA ASP A 104 15.51 14.73 -6.42
C ASP A 104 15.48 13.39 -7.17
N HIS A 105 15.89 12.32 -6.49
CA HIS A 105 16.00 11.03 -7.13
C HIS A 105 15.72 9.88 -6.17
N LEU A 106 14.61 9.18 -6.39
CA LEU A 106 14.30 7.97 -5.66
C LEU A 106 14.51 6.78 -6.57
N VAL A 107 15.19 5.77 -6.05
CA VAL A 107 15.29 4.49 -6.73
C VAL A 107 14.61 3.46 -5.85
N ILE A 108 13.63 2.75 -6.40
CA ILE A 108 12.91 1.75 -5.62
C ILE A 108 13.28 0.36 -6.11
N ALA A 109 13.92 -0.40 -5.23
CA ALA A 109 14.38 -1.75 -5.55
C ALA A 109 13.35 -2.74 -5.09
N CYS A 110 12.60 -3.30 -6.04
CA CYS A 110 11.52 -4.24 -5.74
C CYS A 110 12.00 -5.66 -5.72
N GLY A 111 11.94 -6.29 -4.55
CA GLY A 111 12.30 -7.70 -4.45
C GLY A 111 11.13 -8.62 -4.71
N ARG A 112 11.48 -9.88 -4.89
CA ARG A 112 10.53 -10.98 -4.98
C ARG A 112 11.14 -12.13 -4.20
N TYR A 113 10.55 -13.31 -4.30
CA TYR A 113 11.06 -14.48 -3.57
C TYR A 113 11.07 -14.15 -2.08
N GLU A 114 12.14 -14.46 -1.36
CA GLU A 114 12.22 -14.12 0.08
C GLU A 114 13.00 -12.85 0.38
N GLY A 115 13.28 -12.06 -0.65
CA GLY A 115 13.98 -10.80 -0.47
C GLY A 115 15.33 -10.77 -1.17
N ILE A 116 16.10 -9.74 -0.88
CA ILE A 116 17.35 -9.46 -1.59
C ILE A 116 18.52 -9.71 -0.65
N ASP A 117 19.58 -10.36 -1.15
CA ASP A 117 20.81 -10.54 -0.36
C ASP A 117 21.14 -9.23 0.36
N GLN A 118 21.36 -9.31 1.68
CA GLN A 118 21.51 -8.12 2.51
C GLN A 118 22.72 -7.28 2.13
N ARG A 119 23.70 -7.89 1.46
CA ARG A 119 24.89 -7.12 1.08
C ARG A 119 24.60 -6.06 0.04
N VAL A 120 23.51 -6.20 -0.72
CA VAL A 120 23.16 -5.19 -1.71
C VAL A 120 22.90 -3.84 -1.02
N ALA A 121 22.00 -3.85 -0.03
CA ALA A 121 21.69 -2.63 0.72
C ALA A 121 22.90 -2.16 1.52
N ASP A 122 23.62 -3.11 2.13
CA ASP A 122 24.78 -2.75 2.95
C ASP A 122 25.87 -2.08 2.11
N ASP A 123 26.18 -2.66 0.95
CA ASP A 123 27.14 -2.03 0.04
C ASP A 123 26.63 -0.68 -0.45
N ALA A 124 25.37 -0.62 -0.88
CA ALA A 124 24.84 0.64 -1.36
C ALA A 124 24.90 1.75 -0.30
N ALA A 125 24.67 1.40 0.96
CA ALA A 125 24.65 2.37 2.03
C ALA A 125 26.03 3.01 2.27
N THR A 126 27.10 2.43 1.72
CA THR A 126 28.42 3.03 1.87
C THR A 126 28.65 4.17 0.87
N ARG A 127 27.73 4.39 -0.07
CA ARG A 127 27.90 5.52 -0.99
C ARG A 127 26.61 6.31 -1.30
N MET A 128 25.48 5.90 -0.73
CA MET A 128 24.23 6.64 -0.87
C MET A 128 23.34 6.39 0.35
N ARG A 129 22.25 7.15 0.45
CA ARG A 129 21.29 6.89 1.51
C ARG A 129 20.35 5.76 1.14
N VAL A 130 20.18 4.83 2.06
CA VAL A 130 19.39 3.63 1.82
C VAL A 130 18.29 3.54 2.88
N ARG A 131 17.08 3.24 2.45
CA ARG A 131 15.95 3.15 3.38
C ARG A 131 15.16 1.87 3.17
N GLU A 132 15.29 0.93 4.11
CA GLU A 132 14.48 -0.29 4.09
C GLU A 132 13.19 0.01 4.80
N VAL A 133 12.06 -0.11 4.09
CA VAL A 133 10.78 0.28 4.69
C VAL A 133 9.69 -0.73 4.41
N SER A 134 8.70 -0.74 5.29
CA SER A 134 7.49 -1.56 5.15
C SER A 134 6.25 -0.69 5.14
N ILE A 135 5.32 -1.00 4.22
CA ILE A 135 4.08 -0.20 4.15
C ILE A 135 2.95 -0.69 5.08
N GLY A 136 3.18 -1.76 5.83
CA GLY A 136 2.16 -2.23 6.77
C GLY A 136 2.41 -3.61 7.31
N ASP A 137 1.59 -4.02 8.27
CA ASP A 137 1.83 -5.26 8.99
C ASP A 137 1.10 -6.43 8.38
N TYR A 138 1.48 -6.75 7.15
CA TYR A 138 0.94 -7.87 6.39
C TYR A 138 2.06 -8.27 5.44
N VAL A 139 1.95 -9.45 4.87
CA VAL A 139 2.99 -9.97 3.98
C VAL A 139 2.49 -9.99 2.54
N LEU A 140 3.30 -9.42 1.65
CA LEU A 140 3.04 -9.44 0.21
C LEU A 140 3.95 -10.47 -0.45
N ASN A 141 3.78 -10.65 -1.76
CA ASN A 141 4.66 -11.56 -2.52
C ASN A 141 5.94 -10.88 -3.00
N GLY A 142 5.97 -9.54 -2.97
CA GLY A 142 7.10 -8.80 -3.46
C GLY A 142 6.90 -7.32 -3.26
N GLY A 143 7.88 -6.53 -3.69
CA GLY A 143 7.87 -5.10 -3.43
C GLY A 143 7.06 -4.22 -4.35
N GLU A 144 6.52 -4.76 -5.43
CA GLU A 144 5.87 -3.94 -6.45
C GLU A 144 4.64 -3.20 -5.92
N ALA A 145 3.77 -3.89 -5.19
CA ALA A 145 2.59 -3.22 -4.64
C ALA A 145 3.00 -2.16 -3.63
N ALA A 146 4.06 -2.43 -2.88
CA ALA A 146 4.60 -1.43 -1.96
C ALA A 146 5.13 -0.20 -2.70
N ALA A 147 5.81 -0.43 -3.83
CA ALA A 147 6.28 0.66 -4.66
C ALA A 147 5.14 1.53 -5.16
N LEU A 148 4.03 0.92 -5.56
CA LEU A 148 2.85 1.68 -6.02
C LEU A 148 2.34 2.58 -4.90
N VAL A 149 2.23 2.03 -3.70
CA VAL A 149 1.78 2.80 -2.56
C VAL A 149 2.73 3.95 -2.22
N ILE A 150 4.02 3.65 -2.18
CA ILE A 150 5.01 4.67 -1.87
C ILE A 150 5.02 5.78 -2.93
N ILE A 151 4.99 5.40 -4.20
CA ILE A 151 5.01 6.41 -5.26
C ILE A 151 3.79 7.32 -5.17
N GLU A 152 2.61 6.73 -4.96
CA GLU A 152 1.41 7.54 -4.85
C GLU A 152 1.45 8.46 -3.63
N ALA A 153 1.86 7.94 -2.48
CA ALA A 153 1.85 8.74 -1.27
C ALA A 153 2.85 9.88 -1.33
N VAL A 154 3.99 9.65 -2.00
CA VAL A 154 5.01 10.68 -2.12
C VAL A 154 4.64 11.70 -3.19
N LEU A 155 4.20 11.24 -4.35
CA LEU A 155 4.01 12.18 -5.46
C LEU A 155 2.79 13.07 -5.25
N ARG A 156 1.82 12.63 -4.46
CA ARG A 156 0.66 13.47 -4.23
C ARG A 156 1.02 14.67 -3.32
N LEU A 157 2.22 14.64 -2.74
CA LEU A 157 2.71 15.74 -1.91
C LEU A 157 3.61 16.69 -2.69
N VAL A 158 4.00 16.31 -3.90
CA VAL A 158 4.75 17.20 -4.78
C VAL A 158 3.79 18.07 -5.57
N PRO A 159 3.87 19.39 -5.38
CA PRO A 159 2.93 20.33 -5.98
C PRO A 159 2.71 20.08 -7.48
N GLY A 160 1.46 19.85 -7.86
CA GLY A 160 1.07 19.75 -9.26
C GLY A 160 1.40 18.45 -9.98
N VAL A 161 1.82 17.43 -9.25
CA VAL A 161 2.22 16.21 -9.93
C VAL A 161 1.06 15.27 -10.21
N LEU A 162 0.29 14.87 -9.20
CA LEU A 162 -0.78 13.90 -9.43
C LEU A 162 -2.12 14.54 -9.74
N GLY A 163 -2.17 15.87 -9.75
CA GLY A 163 -3.38 16.59 -10.09
C GLY A 163 -4.35 16.76 -8.94
N ASN A 164 -3.87 16.45 -7.73
CA ASN A 164 -4.68 16.60 -6.52
C ASN A 164 -4.32 17.87 -5.75
N ALA A 165 -5.21 18.32 -4.88
CA ALA A 165 -4.97 19.52 -4.09
C ALA A 165 -5.06 19.22 -2.61
N SER A 179 -2.38 12.24 16.15
CA SER A 179 -3.44 12.75 15.29
C SER A 179 -4.75 12.00 15.52
N LEU A 180 -5.79 12.44 14.83
CA LEU A 180 -7.10 11.79 14.89
C LEU A 180 -7.51 11.33 13.51
N LEU A 181 -8.42 10.36 13.44
CA LEU A 181 -8.99 9.92 12.18
C LEU A 181 -10.06 10.92 11.72
N GLU A 182 -10.19 11.08 10.40
CA GLU A 182 -11.28 11.88 9.87
C GLU A 182 -12.60 11.17 10.08
N GLY A 183 -13.63 11.95 10.38
CA GLY A 183 -14.97 11.40 10.56
C GLY A 183 -15.69 11.24 9.24
N PRO A 184 -16.98 10.91 9.31
CA PRO A 184 -17.77 10.64 8.09
C PRO A 184 -18.04 11.89 7.26
N SER A 185 -18.18 11.67 5.96
CA SER A 185 -18.53 12.73 5.01
CA SER A 185 -18.56 12.75 5.05
C SER A 185 -19.87 12.42 4.35
N TYR A 186 -20.57 13.47 3.91
CA TYR A 186 -21.89 13.34 3.29
C TYR A 186 -22.05 14.31 2.13
N THR A 187 -22.84 13.91 1.14
CA THR A 187 -23.27 14.82 0.10
C THR A 187 -24.74 14.55 -0.27
N ARG A 188 -25.25 15.20 -1.30
CA ARG A 188 -26.63 15.02 -1.74
CA ARG A 188 -26.63 15.02 -1.72
C ARG A 188 -26.93 13.58 -2.15
N PRO A 189 -28.17 13.12 -1.95
CA PRO A 189 -29.33 13.84 -1.40
C PRO A 189 -29.35 13.87 0.11
N PRO A 190 -30.13 14.79 0.71
CA PRO A 190 -30.14 14.91 2.17
C PRO A 190 -30.73 13.68 2.86
N SER A 191 -31.57 12.95 2.14
CA SER A 191 -32.13 11.69 2.63
CA SER A 191 -32.15 11.69 2.62
C SER A 191 -31.96 10.61 1.57
N TRP A 192 -31.43 9.46 1.99
CA TRP A 192 -31.15 8.37 1.06
C TRP A 192 -31.31 7.04 1.78
N ARG A 193 -32.15 6.17 1.23
CA ARG A 193 -32.47 4.87 1.83
C ARG A 193 -32.76 4.97 3.33
N GLY A 194 -33.54 5.98 3.68
CA GLY A 194 -33.97 6.14 5.06
C GLY A 194 -32.94 6.75 5.98
N MET A 195 -31.80 7.15 5.42
CA MET A 195 -30.75 7.73 6.25
C MET A 195 -30.55 9.21 5.90
N ASP A 196 -30.72 10.07 6.89
CA ASP A 196 -30.57 11.51 6.70
C ASP A 196 -29.16 11.97 7.01
N VAL A 197 -28.68 12.94 6.24
CA VAL A 197 -27.44 13.62 6.59
C VAL A 197 -27.65 14.29 7.95
N PRO A 198 -26.66 14.19 8.85
CA PRO A 198 -26.78 14.85 10.17
C PRO A 198 -27.19 16.31 10.01
N PRO A 199 -28.34 16.70 10.60
CA PRO A 199 -28.85 18.06 10.42
C PRO A 199 -27.89 19.16 10.77
N VAL A 200 -26.97 18.92 11.71
CA VAL A 200 -26.02 19.96 12.07
C VAL A 200 -25.23 20.46 10.84
N LEU A 201 -24.99 19.58 9.88
CA LEU A 201 -24.19 19.96 8.72
C LEU A 201 -24.92 20.93 7.81
N LEU A 202 -26.24 20.96 7.91
CA LEU A 202 -27.02 21.90 7.11
C LEU A 202 -27.43 23.15 7.90
N SER A 203 -26.90 23.29 9.12
CA SER A 203 -27.38 24.31 10.07
C SER A 203 -26.88 25.73 9.84
N GLY A 204 -25.77 25.86 9.13
CA GLY A 204 -25.13 27.16 8.99
C GLY A 204 -24.48 27.68 10.26
N ASP A 205 -24.30 26.81 11.26
CA ASP A 205 -23.60 27.16 12.48
C ASP A 205 -22.22 26.53 12.37
N HIS A 206 -21.28 27.28 11.81
CA HIS A 206 -20.04 26.64 11.42
C HIS A 206 -19.10 26.32 12.58
N ALA A 207 -19.21 27.06 13.68
CA ALA A 207 -18.47 26.69 14.88
C ALA A 207 -19.01 25.37 15.44
N LYS A 208 -20.34 25.23 15.45
CA LYS A 208 -20.97 23.99 15.93
C LYS A 208 -20.61 22.81 15.02
N ILE A 209 -20.62 23.03 13.71
CA ILE A 209 -20.22 21.98 12.78
C ILE A 209 -18.79 21.50 13.04
N ALA A 210 -17.88 22.44 13.29
CA ALA A 210 -16.50 22.04 13.57
C ALA A 210 -16.39 21.21 14.86
N ALA A 211 -17.19 21.57 15.87
CA ALA A 211 -17.20 20.83 17.15
C ALA A 211 -17.79 19.44 16.94
N TRP A 212 -18.84 19.35 16.13
CA TRP A 212 -19.45 18.07 15.81
C TRP A 212 -18.47 17.16 15.10
N ARG A 213 -17.75 17.72 14.14
CA ARG A 213 -16.76 16.94 13.40
C ARG A 213 -15.62 16.48 14.30
N ALA A 214 -15.19 17.34 15.22
CA ALA A 214 -14.16 16.96 16.19
C ALA A 214 -14.60 15.77 17.03
N GLU A 215 -15.86 15.78 17.49
CA GLU A 215 -16.36 14.69 18.32
C GLU A 215 -16.52 13.41 17.50
N GLN A 216 -16.93 13.53 16.24
CA GLN A 216 -17.02 12.35 15.36
C GLN A 216 -15.64 11.74 15.18
N SER A 217 -14.63 12.58 15.00
CA SER A 217 -13.26 12.15 14.88
CA SER A 217 -13.26 12.12 14.87
C SER A 217 -12.78 11.45 16.16
N ARG A 218 -13.10 12.02 17.31
CA ARG A 218 -12.71 11.41 18.57
C ARG A 218 -13.33 10.02 18.71
N GLN A 219 -14.63 9.90 18.45
CA GLN A 219 -15.32 8.63 18.58
C GLN A 219 -14.75 7.59 17.64
N ARG A 220 -14.51 7.98 16.39
CA ARG A 220 -14.02 7.04 15.40
C ARG A 220 -12.62 6.57 15.76
N THR A 221 -11.80 7.48 16.29
CA THR A 221 -10.42 7.14 16.65
C THR A 221 -10.42 6.16 17.84
N ILE A 222 -11.29 6.39 18.83
CA ILE A 222 -11.42 5.44 19.95
C ILE A 222 -11.84 4.06 19.46
N GLU A 223 -12.79 4.01 18.54
CA GLU A 223 -13.31 2.75 18.05
C GLU A 223 -12.29 2.00 17.18
N ARG A 224 -11.61 2.71 16.29
CA ARG A 224 -10.83 2.04 15.27
C ARG A 224 -9.33 2.04 15.51
N ARG A 225 -8.85 3.08 16.19
CA ARG A 225 -7.41 3.26 16.38
C ARG A 225 -7.10 3.78 17.77
N PRO A 226 -7.48 3.04 18.81
CA PRO A 226 -7.29 3.56 20.17
C PRO A 226 -5.81 3.80 20.49
N ASP A 227 -4.92 3.16 19.74
CA ASP A 227 -3.48 3.36 19.88
C ASP A 227 -3.07 4.80 19.63
N LEU A 228 -3.84 5.51 18.80
CA LEU A 228 -3.53 6.91 18.50
C LEU A 228 -3.87 7.82 19.67
N LEU A 229 -4.50 7.25 20.70
CA LEU A 229 -4.82 7.99 21.92
C LEU A 229 -4.11 7.35 23.11
N SER B 2 -11.77 -21.55 -3.21
CA SER B 2 -12.51 -20.82 -4.23
C SER B 2 -12.96 -19.45 -3.70
N MET B 3 -12.58 -18.40 -4.43
CA MET B 3 -12.95 -17.04 -4.04
C MET B 3 -13.25 -16.17 -5.27
N LYS B 4 -14.28 -15.35 -5.17
CA LYS B 4 -14.57 -14.32 -6.15
C LYS B 4 -14.26 -12.96 -5.55
N ILE B 5 -13.52 -12.14 -6.29
CA ILE B 5 -13.27 -10.76 -5.87
C ILE B 5 -13.78 -9.80 -6.94
N ASP B 6 -14.71 -8.93 -6.56
CA ASP B 6 -15.16 -7.85 -7.43
C ASP B 6 -14.57 -6.52 -6.95
N VAL B 7 -13.95 -5.76 -7.84
CA VAL B 7 -13.41 -4.45 -7.47
C VAL B 7 -14.19 -3.39 -8.23
N VAL B 8 -14.70 -2.38 -7.52
CA VAL B 8 -15.44 -1.30 -8.17
C VAL B 8 -14.63 -0.01 -8.04
N THR B 9 -14.47 0.70 -9.17
CA THR B 9 -13.54 1.82 -9.23
C THR B 9 -13.89 2.75 -10.38
N ILE B 10 -13.55 4.04 -10.28
CA ILE B 10 -13.67 4.89 -11.47
C ILE B 10 -12.41 4.83 -12.34
N PHE B 11 -11.40 4.09 -11.90
CA PHE B 11 -10.19 3.88 -12.67
C PHE B 11 -9.85 2.40 -12.85
N PRO B 12 -10.67 1.67 -13.62
CA PRO B 12 -10.46 0.23 -13.83
C PRO B 12 -9.05 -0.10 -14.35
N GLU B 13 -8.46 0.78 -15.15
CA GLU B 13 -7.10 0.58 -15.68
C GLU B 13 -6.05 0.40 -14.58
N TYR B 14 -6.24 1.07 -13.45
CA TYR B 14 -5.27 0.98 -12.35
C TYR B 14 -5.22 -0.41 -11.73
N LEU B 15 -6.24 -1.23 -11.97
CA LEU B 15 -6.30 -2.57 -11.37
C LEU B 15 -5.65 -3.65 -12.22
N GLN B 16 -5.14 -3.26 -13.40
CA GLN B 16 -4.50 -4.20 -14.32
C GLN B 16 -3.39 -5.10 -13.72
N PRO B 17 -2.63 -4.61 -12.70
CA PRO B 17 -1.61 -5.54 -12.17
C PRO B 17 -2.11 -6.88 -11.60
N VAL B 18 -3.42 -7.10 -11.53
CA VAL B 18 -3.92 -8.41 -11.12
C VAL B 18 -3.99 -9.37 -12.32
N GLY B 30 -7.35 -21.11 -11.20
CA GLY B 30 -8.79 -21.05 -11.28
C GLY B 30 -9.47 -21.15 -9.93
N LEU B 31 -8.68 -21.05 -8.87
CA LEU B 31 -9.22 -21.09 -7.51
C LEU B 31 -9.70 -19.71 -7.08
N VAL B 32 -9.47 -18.72 -7.94
CA VAL B 32 -9.90 -17.36 -7.65
C VAL B 32 -10.21 -16.59 -8.95
N ASP B 33 -11.27 -15.80 -8.91
CA ASP B 33 -11.63 -14.94 -10.02
C ASP B 33 -11.69 -13.49 -9.55
N VAL B 34 -11.03 -12.60 -10.28
CA VAL B 34 -11.05 -11.17 -9.96
C VAL B 34 -11.67 -10.39 -11.10
N ALA B 35 -12.76 -9.68 -10.82
CA ALA B 35 -13.45 -8.87 -11.81
C ALA B 35 -13.40 -7.40 -11.42
N VAL B 36 -13.19 -6.53 -12.40
CA VAL B 36 -13.07 -5.09 -12.17
C VAL B 36 -14.19 -4.37 -12.89
N HIS B 37 -14.89 -3.51 -12.15
CA HIS B 37 -16.07 -2.82 -12.65
C HIS B 37 -15.88 -1.30 -12.61
N ASP B 38 -16.22 -0.66 -13.71
CA ASP B 38 -16.24 0.80 -13.80
C ASP B 38 -17.50 1.34 -13.13
N LEU B 39 -17.34 2.03 -12.00
CA LEU B 39 -18.47 2.62 -11.28
C LEU B 39 -19.38 3.46 -12.18
N ARG B 40 -18.80 4.10 -13.20
CA ARG B 40 -19.58 5.01 -14.03
C ARG B 40 -20.64 4.28 -14.86
N ARG B 41 -20.54 2.95 -14.91
CA ARG B 41 -21.54 2.13 -15.57
C ARG B 41 -22.92 2.28 -14.93
N TRP B 42 -22.95 2.63 -13.65
CA TRP B 42 -24.21 2.75 -12.94
C TRP B 42 -24.73 4.19 -12.86
N THR B 43 -24.13 5.09 -13.64
CA THR B 43 -24.65 6.45 -13.73
C THR B 43 -25.69 6.52 -14.85
N HIS B 44 -26.51 7.57 -14.83
CA HIS B 44 -27.54 7.75 -15.85
C HIS B 44 -27.38 9.04 -16.64
N ASP B 45 -26.83 10.06 -15.98
CA ASP B 45 -26.68 11.37 -16.61
C ASP B 45 -25.59 11.37 -17.68
N VAL B 46 -25.60 12.40 -18.52
CA VAL B 46 -24.67 12.50 -19.64
C VAL B 46 -23.23 12.68 -19.18
N HIS B 47 -23.03 13.45 -18.12
CA HIS B 47 -21.69 13.76 -17.62
C HIS B 47 -21.14 12.66 -16.73
N LYS B 48 -21.96 11.65 -16.45
CA LYS B 48 -21.57 10.49 -15.65
C LYS B 48 -20.96 10.91 -14.30
N SER B 49 -21.66 11.79 -13.60
CA SER B 49 -21.13 12.38 -12.37
C SER B 49 -21.19 11.43 -11.18
N VAL B 50 -20.07 11.26 -10.49
CA VAL B 50 -20.06 10.40 -9.33
C VAL B 50 -19.75 11.16 -8.04
N ASP B 51 -19.50 12.46 -8.15
CA ASP B 51 -19.07 13.25 -7.01
C ASP B 51 -19.87 14.54 -6.84
N ASP B 52 -19.90 15.06 -5.62
CA ASP B 52 -20.65 16.28 -5.31
C ASP B 52 -19.94 16.93 -4.10
N SER B 53 -20.20 18.21 -3.86
CA SER B 53 -19.59 18.93 -2.75
CA SER B 53 -19.58 18.92 -2.75
C SER B 53 -20.10 18.42 -1.40
N PRO B 54 -19.26 18.52 -0.35
CA PRO B 54 -19.67 18.02 0.98
C PRO B 54 -20.69 18.88 1.72
N TYR B 55 -21.65 18.23 2.35
CA TYR B 55 -22.47 18.94 3.31
C TYR B 55 -21.61 19.39 4.48
N GLY B 56 -21.85 20.61 4.95
CA GLY B 56 -21.13 21.12 6.09
C GLY B 56 -19.83 21.80 5.76
N GLY B 57 -19.45 21.77 4.49
CA GLY B 57 -18.24 22.43 4.04
C GLY B 57 -17.03 21.52 4.05
N GLY B 58 -15.94 22.07 3.53
CA GLY B 58 -14.70 21.34 3.46
C GLY B 58 -14.16 21.42 2.05
N PRO B 59 -12.86 21.14 1.91
CA PRO B 59 -12.23 21.09 0.59
C PRO B 59 -12.56 19.78 -0.10
N GLY B 60 -12.45 19.76 -1.41
CA GLY B 60 -12.65 18.52 -2.14
C GLY B 60 -14.10 18.11 -2.27
N MET B 61 -14.28 16.86 -2.66
CA MET B 61 -15.56 16.36 -3.08
C MET B 61 -15.81 15.00 -2.44
N VAL B 62 -17.08 14.61 -2.42
CA VAL B 62 -17.51 13.35 -1.83
C VAL B 62 -18.22 12.50 -2.89
N MET B 63 -17.96 11.19 -2.92
CA MET B 63 -18.68 10.35 -3.89
C MET B 63 -20.13 10.16 -3.44
N LYS B 64 -21.03 10.38 -4.39
CA LYS B 64 -22.48 10.28 -4.23
C LYS B 64 -22.89 8.88 -3.79
N PRO B 65 -23.81 8.79 -2.83
CA PRO B 65 -24.26 7.45 -2.42
C PRO B 65 -25.14 6.76 -3.46
N THR B 66 -25.86 7.51 -4.29
CA THR B 66 -26.82 6.89 -5.20
C THR B 66 -26.15 5.93 -6.18
N VAL B 67 -25.08 6.38 -6.82
CA VAL B 67 -24.39 5.55 -7.80
C VAL B 67 -23.80 4.29 -7.14
N TRP B 68 -23.18 4.47 -5.99
CA TRP B 68 -22.61 3.35 -5.26
C TRP B 68 -23.66 2.33 -4.86
N GLY B 69 -24.79 2.81 -4.36
CA GLY B 69 -25.87 1.94 -3.92
C GLY B 69 -26.36 1.08 -5.06
N ASP B 70 -26.51 1.66 -6.25
CA ASP B 70 -26.93 0.90 -7.42
C ASP B 70 -25.86 -0.15 -7.80
N ALA B 71 -24.60 0.25 -7.80
CA ALA B 71 -23.53 -0.67 -8.16
C ALA B 71 -23.47 -1.85 -7.18
N LEU B 72 -23.52 -1.55 -5.89
CA LEU B 72 -23.38 -2.59 -4.87
C LEU B 72 -24.63 -3.48 -4.83
N ASP B 73 -25.80 -2.89 -5.12
CA ASP B 73 -27.04 -3.67 -5.22
C ASP B 73 -26.89 -4.81 -6.21
N GLU B 74 -26.21 -4.51 -7.32
CA GLU B 74 -26.07 -5.47 -8.42
C GLU B 74 -25.00 -6.51 -8.14
N ILE B 75 -23.93 -6.10 -7.49
CA ILE B 75 -22.74 -6.94 -7.31
C ILE B 75 -22.76 -7.78 -6.03
N CYS B 76 -23.33 -7.23 -4.97
CA CYS B 76 -23.29 -7.88 -3.66
C CYS B 76 -24.48 -8.77 -3.37
N THR B 77 -24.27 -9.74 -2.49
CA THR B 77 -25.36 -10.50 -1.87
C THR B 77 -25.19 -10.41 -0.37
N SER B 78 -26.12 -11.01 0.38
CA SER B 78 -26.04 -10.98 1.83
C SER B 78 -24.80 -11.71 2.36
N GLU B 79 -24.18 -12.54 1.52
CA GLU B 79 -23.01 -13.34 1.87
C GLU B 79 -21.70 -12.60 1.64
N THR B 80 -21.78 -11.50 0.89
CA THR B 80 -20.62 -10.71 0.50
C THR B 80 -19.91 -10.08 1.69
N LEU B 81 -18.58 -10.11 1.68
CA LEU B 81 -17.82 -9.24 2.57
C LEU B 81 -17.44 -7.96 1.80
N LEU B 82 -18.05 -6.85 2.17
CA LEU B 82 -17.77 -5.58 1.51
C LEU B 82 -16.59 -4.90 2.18
N VAL B 83 -15.53 -4.68 1.40
CA VAL B 83 -14.30 -4.07 1.88
C VAL B 83 -14.21 -2.67 1.35
N VAL B 84 -14.01 -1.69 2.24
CA VAL B 84 -13.95 -0.28 1.82
C VAL B 84 -12.66 0.35 2.32
N PRO B 85 -11.65 0.46 1.44
CA PRO B 85 -10.44 1.16 1.86
C PRO B 85 -10.71 2.62 2.22
N THR B 86 -10.07 3.11 3.28
CA THR B 86 -10.18 4.50 3.72
C THR B 86 -9.07 4.79 4.69
N PRO B 87 -8.52 6.02 4.65
CA PRO B 87 -7.46 6.33 5.61
C PRO B 87 -7.97 6.31 7.06
N ALA B 88 -9.29 6.38 7.23
CA ALA B 88 -9.89 6.34 8.55
C ALA B 88 -10.37 4.94 8.96
N GLY B 89 -9.92 3.91 8.25
CA GLY B 89 -10.39 2.57 8.54
C GLY B 89 -9.71 1.87 9.72
N TYR B 90 -10.31 0.76 10.13
CA TYR B 90 -9.63 -0.17 11.03
C TYR B 90 -8.37 -0.66 10.33
N PRO B 91 -7.29 -0.96 11.08
CA PRO B 91 -6.08 -1.45 10.40
C PRO B 91 -6.26 -2.79 9.69
N PHE B 92 -5.83 -2.84 8.43
CA PHE B 92 -5.71 -4.10 7.71
C PHE B 92 -4.36 -4.71 8.07
N THR B 93 -4.39 -5.91 8.69
CA THR B 93 -3.16 -6.58 9.12
C THR B 93 -3.13 -8.01 8.60
N GLN B 94 -2.05 -8.73 8.91
CA GLN B 94 -1.95 -10.13 8.51
C GLN B 94 -3.09 -10.95 9.09
N GLU B 95 -3.53 -10.62 10.31
CA GLU B 95 -4.68 -11.30 10.88
C GLU B 95 -5.92 -11.12 9.98
N THR B 96 -6.13 -9.89 9.50
CA THR B 96 -7.24 -9.61 8.60
C THR B 96 -7.12 -10.44 7.33
N ALA B 97 -5.91 -10.53 6.81
CA ALA B 97 -5.68 -11.30 5.58
C ALA B 97 -6.02 -12.77 5.78
N TRP B 98 -5.58 -13.34 6.90
CA TRP B 98 -5.95 -14.71 7.22
C TRP B 98 -7.47 -14.89 7.32
N GLN B 99 -8.13 -13.95 7.98
CA GLN B 99 -9.59 -14.01 8.14
C GLN B 99 -10.29 -13.96 6.79
N TRP B 100 -9.85 -13.08 5.90
CA TRP B 100 -10.52 -12.91 4.63
C TRP B 100 -10.18 -14.01 3.63
N SER B 101 -9.09 -14.74 3.90
CA SER B 101 -8.62 -15.78 2.98
C SER B 101 -9.61 -16.93 2.82
N THR B 102 -10.56 -17.04 3.75
CA THR B 102 -11.52 -18.14 3.61
C THR B 102 -12.91 -17.67 3.22
N GLU B 103 -13.00 -16.43 2.73
CA GLU B 103 -14.28 -15.89 2.24
C GLU B 103 -14.57 -16.34 0.81
N ASP B 104 -15.86 -16.48 0.51
CA ASP B 104 -16.30 -16.86 -0.83
C ASP B 104 -16.35 -15.66 -1.77
N HIS B 105 -16.64 -14.49 -1.21
CA HIS B 105 -16.87 -13.31 -2.04
C HIS B 105 -16.47 -12.02 -1.34
N LEU B 106 -15.43 -11.39 -1.89
CA LEU B 106 -15.01 -10.05 -1.45
C LEU B 106 -15.44 -9.05 -2.52
N VAL B 107 -16.01 -7.94 -2.10
CA VAL B 107 -16.22 -6.82 -2.99
C VAL B 107 -15.45 -5.64 -2.44
N ILE B 108 -14.57 -5.06 -3.25
CA ILE B 108 -13.75 -3.95 -2.79
C ILE B 108 -14.22 -2.67 -3.48
N ALA B 109 -14.80 -1.78 -2.67
CA ALA B 109 -15.30 -0.49 -3.14
C ALA B 109 -14.20 0.56 -3.05
N CYS B 110 -13.62 0.91 -4.19
CA CYS B 110 -12.53 1.89 -4.24
C CYS B 110 -13.04 3.30 -4.41
N GLY B 111 -12.79 4.15 -3.43
CA GLY B 111 -13.13 5.56 -3.55
C GLY B 111 -12.05 6.40 -4.19
N ARG B 112 -12.45 7.61 -4.55
CA ARG B 112 -11.54 8.66 -5.02
C ARG B 112 -12.03 9.95 -4.38
N TYR B 113 -11.53 11.10 -4.85
CA TYR B 113 -11.88 12.39 -4.26
C TYR B 113 -11.55 12.34 -2.76
N GLU B 114 -12.45 12.81 -1.90
CA GLU B 114 -12.21 12.76 -0.45
C GLU B 114 -12.93 11.60 0.21
N GLY B 115 -13.35 10.63 -0.59
CA GLY B 115 -14.02 9.46 -0.05
C GLY B 115 -15.47 9.33 -0.45
N ILE B 116 -16.16 8.39 0.19
CA ILE B 116 -17.50 8.00 -0.18
C ILE B 116 -18.46 8.41 0.92
N ASP B 117 -19.62 8.95 0.54
CA ASP B 117 -20.70 9.25 1.48
C ASP B 117 -20.85 8.10 2.49
N GLN B 118 -20.83 8.43 3.78
CA GLN B 118 -20.84 7.39 4.82
C GLN B 118 -22.05 6.48 4.77
N ARG B 119 -23.17 6.96 4.19
CA ARG B 119 -24.37 6.15 4.14
C ARG B 119 -24.24 4.92 3.24
N VAL B 120 -23.28 4.92 2.32
CA VAL B 120 -23.07 3.75 1.49
C VAL B 120 -22.68 2.54 2.33
N ALA B 121 -21.66 2.70 3.17
CA ALA B 121 -21.25 1.63 4.09
C ALA B 121 -22.34 1.35 5.11
N ASP B 122 -22.97 2.39 5.64
CA ASP B 122 -23.98 2.19 6.68
C ASP B 122 -25.18 1.41 6.14
N ASP B 123 -25.65 1.76 4.94
CA ASP B 123 -26.74 1.05 4.27
C ASP B 123 -26.36 -0.39 3.95
N ALA B 124 -25.15 -0.58 3.41
CA ALA B 124 -24.70 -1.92 3.08
C ALA B 124 -24.66 -2.81 4.32
N ALA B 125 -24.31 -2.22 5.47
CA ALA B 125 -24.16 -2.99 6.70
C ALA B 125 -25.48 -3.55 7.23
N THR B 126 -26.59 -3.03 6.70
CA THR B 126 -27.92 -3.56 7.08
C THR B 126 -28.23 -4.84 6.32
N ARG B 127 -27.42 -5.15 5.30
CA ARG B 127 -27.66 -6.31 4.43
C ARG B 127 -26.51 -7.31 4.39
N MET B 128 -25.31 -6.85 4.70
CA MET B 128 -24.13 -7.69 4.59
C MET B 128 -23.08 -7.23 5.59
N ARG B 129 -22.00 -7.99 5.70
CA ARG B 129 -20.86 -7.59 6.52
C ARG B 129 -20.02 -6.55 5.77
N VAL B 130 -19.66 -5.48 6.46
CA VAL B 130 -18.88 -4.39 5.86
C VAL B 130 -17.64 -4.13 6.70
N ARG B 131 -16.50 -3.94 6.03
CA ARG B 131 -15.26 -3.65 6.71
C ARG B 131 -14.55 -2.44 6.11
N GLU B 132 -14.54 -1.33 6.83
CA GLU B 132 -13.78 -0.15 6.47
CA GLU B 132 -13.77 -0.17 6.43
C GLU B 132 -12.36 -0.32 7.00
N VAL B 133 -11.37 -0.37 6.12
CA VAL B 133 -10.01 -0.65 6.53
C VAL B 133 -8.97 0.29 5.92
N SER B 134 -7.87 0.42 6.62
CA SER B 134 -6.71 1.20 6.13
CA SER B 134 -6.72 1.19 6.13
C SER B 134 -5.48 0.30 6.04
N ILE B 135 -4.74 0.41 4.94
CA ILE B 135 -3.54 -0.42 4.79
C ILE B 135 -2.29 0.19 5.43
N GLY B 136 -2.37 1.39 5.99
CA GLY B 136 -1.22 1.98 6.62
C GLY B 136 -1.38 3.46 6.92
N ASP B 137 -0.44 4.01 7.67
CA ASP B 137 -0.60 5.37 8.18
C ASP B 137 0.05 6.38 7.24
N TYR B 138 -0.53 6.51 6.06
CA TYR B 138 -0.11 7.45 5.04
C TYR B 138 -1.37 7.70 4.22
N VAL B 139 -1.33 8.72 3.38
CA VAL B 139 -2.52 9.09 2.61
C VAL B 139 -2.29 8.83 1.13
N LEU B 140 -3.26 8.18 0.51
CA LEU B 140 -3.28 7.92 -0.93
C LEU B 140 -4.28 8.83 -1.62
N ASN B 141 -4.33 8.81 -2.94
CA ASN B 141 -5.35 9.59 -3.65
C ASN B 141 -6.65 8.81 -3.84
N GLY B 142 -6.61 7.51 -3.60
CA GLY B 142 -7.80 6.68 -3.77
C GLY B 142 -7.57 5.26 -3.30
N GLY B 143 -8.61 4.44 -3.38
CA GLY B 143 -8.58 3.09 -2.85
C GLY B 143 -7.92 2.03 -3.72
N GLU B 144 -7.58 2.36 -4.96
CA GLU B 144 -7.10 1.35 -5.91
C GLU B 144 -5.79 0.69 -5.49
N ALA B 145 -4.80 1.47 -5.05
CA ALA B 145 -3.54 0.87 -4.62
C ALA B 145 -3.76 0.02 -3.37
N ALA B 146 -4.69 0.44 -2.51
CA ALA B 146 -5.02 -0.33 -1.34
C ALA B 146 -5.68 -1.65 -1.71
N ALA B 147 -6.56 -1.60 -2.70
CA ALA B 147 -7.16 -2.83 -3.24
C ALA B 147 -6.08 -3.82 -3.72
N LEU B 148 -5.07 -3.32 -4.43
CA LEU B 148 -4.02 -4.22 -4.93
C LEU B 148 -3.25 -4.87 -3.77
N VAL B 149 -2.97 -4.09 -2.74
CA VAL B 149 -2.29 -4.59 -1.55
C VAL B 149 -3.11 -5.66 -0.85
N ILE B 150 -4.40 -5.36 -0.64
CA ILE B 150 -5.30 -6.30 0.02
C ILE B 150 -5.44 -7.60 -0.77
N ILE B 151 -5.65 -7.49 -2.08
CA ILE B 151 -5.79 -8.69 -2.91
C ILE B 151 -4.53 -9.53 -2.86
N GLU B 152 -3.36 -8.92 -2.96
CA GLU B 152 -2.14 -9.70 -2.90
C GLU B 152 -1.95 -10.40 -1.55
N ALA B 153 -2.20 -9.69 -0.45
CA ALA B 153 -1.98 -10.25 0.87
C ALA B 153 -2.98 -11.38 1.15
N VAL B 154 -4.20 -11.24 0.64
CA VAL B 154 -5.22 -12.27 0.86
C VAL B 154 -5.02 -13.49 -0.04
N LEU B 155 -4.79 -13.26 -1.33
CA LEU B 155 -4.78 -14.39 -2.26
C LEU B 155 -3.63 -15.36 -2.00
N ARG B 156 -2.52 -14.86 -1.44
CA ARG B 156 -1.39 -15.76 -1.19
C ARG B 156 -1.67 -16.70 -0.02
N LEU B 157 -2.76 -16.45 0.71
CA LEU B 157 -3.15 -17.29 1.84
C LEU B 157 -4.29 -18.28 1.53
N VAL B 158 -4.94 -18.11 0.37
CA VAL B 158 -6.09 -18.94 0.04
C VAL B 158 -5.65 -20.39 -0.09
N PRO B 159 -6.36 -21.32 0.55
CA PRO B 159 -5.96 -22.73 0.52
C PRO B 159 -5.77 -23.22 -0.92
N GLY B 160 -4.61 -23.80 -1.20
CA GLY B 160 -4.28 -24.20 -2.55
C GLY B 160 -3.44 -23.18 -3.29
N VAL B 161 -2.74 -22.33 -2.54
CA VAL B 161 -1.85 -21.33 -3.14
C VAL B 161 -0.46 -21.40 -2.53
N SER B 179 4.20 -10.13 14.74
CA SER B 179 5.06 -11.03 15.50
C SER B 179 6.48 -10.51 15.58
N LEU B 180 7.31 -10.90 14.62
CA LEU B 180 8.72 -10.50 14.58
C LEU B 180 9.15 -10.15 13.17
N LEU B 181 10.22 -9.37 13.04
CA LEU B 181 10.75 -9.00 11.74
C LEU B 181 11.76 -10.03 11.26
N GLU B 182 11.71 -10.33 9.97
CA GLU B 182 12.67 -11.25 9.35
CA GLU B 182 12.67 -11.25 9.35
C GLU B 182 14.08 -10.67 9.42
N GLY B 183 15.05 -11.52 9.71
CA GLY B 183 16.44 -11.10 9.70
C GLY B 183 16.98 -11.12 8.27
N PRO B 184 18.26 -10.79 8.11
CA PRO B 184 18.86 -10.73 6.77
C PRO B 184 19.04 -12.11 6.15
N SER B 185 19.00 -12.13 4.82
CA SER B 185 19.21 -13.34 4.02
CA SER B 185 19.26 -13.35 4.06
C SER B 185 20.39 -13.15 3.07
N TYR B 186 21.01 -14.25 2.68
CA TYR B 186 22.20 -14.26 1.84
C TYR B 186 22.19 -15.40 0.85
N THR B 187 22.82 -15.19 -0.30
CA THR B 187 23.05 -16.27 -1.23
C THR B 187 24.42 -16.11 -1.89
N ARG B 188 24.73 -16.95 -2.87
CA ARG B 188 26.08 -16.98 -3.46
C ARG B 188 26.42 -15.71 -4.24
N PRO B 189 27.71 -15.31 -4.29
CA PRO B 189 28.92 -15.96 -3.75
C PRO B 189 29.14 -15.63 -2.27
N PRO B 190 29.95 -16.45 -1.57
CA PRO B 190 30.13 -16.24 -0.13
C PRO B 190 30.90 -14.96 0.21
N SER B 191 31.65 -14.45 -0.76
CA SER B 191 32.30 -13.15 -0.62
CA SER B 191 32.31 -13.16 -0.62
C SER B 191 31.97 -12.32 -1.85
N TRP B 192 31.51 -11.09 -1.63
CA TRP B 192 31.11 -10.21 -2.72
C TRP B 192 31.48 -8.76 -2.40
N ARG B 193 32.27 -8.14 -3.28
CA ARG B 193 32.79 -6.79 -3.05
C ARG B 193 33.52 -6.68 -1.72
N GLY B 194 34.13 -7.78 -1.26
CA GLY B 194 34.81 -7.78 0.02
C GLY B 194 33.87 -7.86 1.21
N MET B 195 32.60 -8.17 0.94
CA MET B 195 31.62 -8.37 2.01
C MET B 195 31.27 -9.86 2.12
N ASP B 196 31.45 -10.40 3.32
CA ASP B 196 31.27 -11.84 3.56
C ASP B 196 29.89 -12.17 4.07
N VAL B 197 29.34 -13.27 3.58
CA VAL B 197 28.21 -13.89 4.25
C VAL B 197 28.63 -14.27 5.68
N PRO B 198 27.79 -13.99 6.68
CA PRO B 198 28.12 -14.37 8.06
C PRO B 198 28.55 -15.83 8.14
N PRO B 199 29.74 -16.09 8.69
CA PRO B 199 30.34 -17.43 8.68
C PRO B 199 29.44 -18.51 9.27
N VAL B 200 28.62 -18.17 10.25
CA VAL B 200 27.74 -19.17 10.84
C VAL B 200 26.82 -19.81 9.80
N LEU B 201 26.40 -19.03 8.80
CA LEU B 201 25.48 -19.54 7.78
C LEU B 201 26.16 -20.51 6.82
N LEU B 202 27.49 -20.53 6.84
CA LEU B 202 28.25 -21.43 5.99
C LEU B 202 28.66 -22.67 6.76
N SER B 203 28.38 -22.68 8.06
CA SER B 203 28.94 -23.67 8.99
C SER B 203 28.20 -25.01 9.02
N GLY B 204 26.98 -25.05 8.49
CA GLY B 204 26.19 -26.27 8.50
C GLY B 204 25.65 -26.66 9.86
N ASP B 205 25.86 -25.81 10.85
CA ASP B 205 25.37 -26.08 12.21
C ASP B 205 23.96 -25.54 12.38
N HIS B 206 22.97 -26.42 12.23
CA HIS B 206 21.57 -26.02 12.24
C HIS B 206 21.17 -25.28 13.52
N ALA B 207 21.67 -25.75 14.66
CA ALA B 207 21.33 -25.13 15.94
C ALA B 207 21.93 -23.74 16.07
N LYS B 208 23.18 -23.57 15.67
CA LYS B 208 23.83 -22.26 15.71
C LYS B 208 23.20 -21.29 14.71
N ILE B 209 22.81 -21.81 13.55
CA ILE B 209 22.17 -20.99 12.52
C ILE B 209 20.79 -20.54 12.98
N ALA B 210 20.01 -21.45 13.56
CA ALA B 210 18.69 -21.12 14.06
C ALA B 210 18.79 -20.06 15.16
N ALA B 211 19.78 -20.22 16.03
CA ALA B 211 19.98 -19.28 17.13
C ALA B 211 20.39 -17.91 16.62
N TRP B 212 21.28 -17.89 15.63
CA TRP B 212 21.77 -16.66 15.04
C TRP B 212 20.63 -15.91 14.35
N ARG B 213 19.80 -16.67 13.62
CA ARG B 213 18.68 -16.06 12.91
C ARG B 213 17.64 -15.50 13.88
N ALA B 214 17.44 -16.18 15.01
CA ALA B 214 16.49 -15.70 16.01
C ALA B 214 16.98 -14.39 16.62
N GLU B 215 18.29 -14.33 16.91
CA GLU B 215 18.89 -13.13 17.48
C GLU B 215 18.81 -11.97 16.50
N GLN B 216 19.16 -12.22 15.23
CA GLN B 216 19.07 -11.19 14.20
C GLN B 216 17.65 -10.65 14.07
N SER B 217 16.66 -11.54 14.13
CA SER B 217 15.25 -11.15 14.04
CA SER B 217 15.26 -11.13 14.03
C SER B 217 14.85 -10.26 15.21
N ARG B 218 15.21 -10.68 16.41
CA ARG B 218 14.82 -9.91 17.58
C ARG B 218 15.60 -8.58 17.63
N GLN B 219 16.84 -8.59 17.17
CA GLN B 219 17.63 -7.34 17.09
C GLN B 219 17.05 -6.33 16.05
N ARG B 220 16.66 -6.84 14.90
CA ARG B 220 16.03 -5.99 13.89
C ARG B 220 14.70 -5.43 14.40
N THR B 221 13.99 -6.24 15.16
CA THR B 221 12.68 -5.84 15.65
C THR B 221 12.79 -4.70 16.67
N ILE B 222 13.73 -4.83 17.62
CA ILE B 222 13.96 -3.76 18.60
C ILE B 222 14.32 -2.44 17.92
N GLU B 223 15.16 -2.52 16.89
CA GLU B 223 15.63 -1.34 16.19
C GLU B 223 14.55 -0.68 15.34
N ARG B 224 13.77 -1.48 14.62
CA ARG B 224 12.90 -0.92 13.58
C ARG B 224 11.44 -0.88 13.98
N ARG B 225 11.02 -1.84 14.81
CA ARG B 225 9.63 -1.93 15.24
C ARG B 225 9.52 -2.31 16.70
N PRO B 226 10.02 -1.44 17.58
CA PRO B 226 10.02 -1.77 19.01
C PRO B 226 8.60 -2.00 19.56
N ASP B 227 7.61 -1.43 18.89
CA ASP B 227 6.22 -1.61 19.32
C ASP B 227 5.79 -3.08 19.26
N LEU B 228 6.37 -3.86 18.35
CA LEU B 228 5.99 -5.28 18.23
C LEU B 228 6.41 -6.08 19.45
N LEU B 229 7.41 -5.59 20.17
CA LEU B 229 7.86 -6.24 21.41
C LEU B 229 7.38 -5.48 22.65
N GLY B 230 6.46 -4.53 22.47
CA GLY B 230 5.85 -3.85 23.58
C GLY B 230 6.68 -2.70 24.14
N PHE B 231 7.46 -2.04 23.28
CA PHE B 231 8.21 -0.86 23.70
C PHE B 231 7.69 0.39 23.02
N ASP B 232 8.07 1.55 23.53
CA ASP B 232 7.66 2.82 22.93
C ASP B 232 8.17 2.95 21.50
N SER B 233 7.39 3.64 20.67
CA SER B 233 7.82 4.00 19.32
C SER B 233 8.76 5.21 19.36
N PRO B 234 9.68 5.30 18.39
CA PRO B 234 10.68 6.38 18.37
C PRO B 234 10.06 7.77 18.24
#